data_5J3F
#
_entry.id   5J3F
#
loop_
_entity.id
_entity.type
_entity.pdbx_description
1 polymer "DNA (5'-D(*CP*GP*(RSG)P*CP*CP*GP*CP*CP*GP*A)-3')"
2 polymer "DNA (5'-D(*TP*CP*GP*GP*CP*GP*(RSG)P*CP*CP*G)-3')"
#
loop_
_entity_poly.entity_id
_entity_poly.type
_entity_poly.pdbx_seq_one_letter_code
_entity_poly.pdbx_strand_id
1 'polydeoxyribonucleotide' (DC)(DG)(GS)(DC)(DC)(DG)(DC)(DC)(DG)(DA) A
2 'polydeoxyribonucleotide' (DT)(DC)(DG)(DG)(DC)(DG)(GS)(DC)(DC)(DG) B
#
loop_
_chem_comp.id
_chem_comp.type
_chem_comp.name
_chem_comp.formula
DA DNA linking 2'-DEOXYADENOSINE-5'-MONOPHOSPHATE 'C10 H14 N5 O6 P'
DC DNA linking 2'-DEOXYCYTIDINE-5'-MONOPHOSPHATE 'C9 H14 N3 O7 P'
DG DNA linking 2'-DEOXYGUANOSINE-5'-MONOPHOSPHATE 'C10 H14 N5 O7 P'
DT DNA linking THYMIDINE-5'-MONOPHOSPHATE 'C10 H15 N2 O8 P'
GS DNA linking GUANOSINE-5'-THIO-MONOPHOSPHATE 'C10 H14 N5 O6 P S'
#
# COMPACT_ATOMS: atom_id res chain seq x y z
P GS A 3 8.28 4.41 -1.97
OP1 GS A 3 9.14 5.48 -2.52
S2P GS A 3 8.16 4.13 0.11
O5' GS A 3 6.78 4.65 -2.52
C5' GS A 3 6.54 4.87 -3.91
C4' GS A 3 5.05 5.05 -4.20
O4' GS A 3 4.35 3.83 -3.94
C3' GS A 3 4.38 6.14 -3.36
O3' GS A 3 3.45 6.86 -4.18
C2' GS A 3 3.61 5.36 -2.30
C1' GS A 3 3.29 4.06 -3.01
N9 GS A 3 3.19 2.88 -2.14
C8 GS A 3 4.00 2.52 -1.09
N7 GS A 3 3.64 1.40 -0.51
C5 GS A 3 2.52 1.00 -1.22
C6 GS A 3 1.68 -0.13 -1.04
O6 GS A 3 1.79 -1.04 -0.22
N1 GS A 3 0.65 -0.16 -1.98
C2 GS A 3 0.44 0.79 -2.95
N2 GS A 3 -0.61 0.60 -3.75
N3 GS A 3 1.22 1.87 -3.12
C4 GS A 3 2.23 1.91 -2.22
H5' GS A 3 6.91 4.02 -4.48
H4' GS A 3 4.93 5.30 -5.25
H3' GS A 3 5.11 6.81 -2.91
H2' GS A 3 4.25 5.17 -1.43
H1' GS A 3 2.36 4.17 -3.57
H8 GS A 3 4.86 3.10 -0.77
HN1 GS A 3 0.02 -0.95 -1.92
HN21 GS A 3 -1.20 -0.21 -3.62
HN22 GS A 3 -0.82 1.27 -4.48
P GS B 7 -3.09 -6.09 6.41
OP1 GS B 7 -3.78 -7.32 6.89
S2P GS B 7 -1.02 -6.12 6.06
O5' GS B 7 -3.82 -5.62 5.05
C5' GS B 7 -5.23 -5.38 5.02
C4' GS B 7 -5.68 -4.91 3.65
O4' GS B 7 -5.07 -3.63 3.33
C3' GS B 7 -5.34 -5.87 2.50
O3' GS B 7 -6.41 -5.90 1.56
C2' GS B 7 -4.12 -5.23 1.85
C1' GS B 7 -4.34 -3.75 2.11
N9 GS B 7 -3.08 -2.98 2.26
C8 GS B 7 -1.97 -3.27 3.00
N7 GS B 7 -1.04 -2.36 2.93
C5 GS B 7 -1.57 -1.40 2.08
C6 GS B 7 -1.02 -0.16 1.63
O6 GS B 7 0.08 0.32 1.91
N1 GS B 7 -1.89 0.51 0.79
C2 GS B 7 -3.14 0.06 0.42
N2 GS B 7 -3.84 0.85 -0.40
N3 GS B 7 -3.67 -1.09 0.85
C4 GS B 7 -2.82 -1.77 1.67
H5' GS B 7 -5.75 -6.29 5.27
H4' GS B 7 -6.76 -4.76 3.66
H3' GS B 7 -5.11 -6.86 2.89
H2' GS B 7 -4.11 -5.44 0.78
H1' GS B 7 -4.92 -3.33 1.30
H8 GS B 7 -1.87 -4.18 3.59
HN1 GS B 7 -1.56 1.40 0.43
HN21 GS B 7 -3.44 1.72 -0.72
HN22 GS B 7 -4.75 0.57 -0.70
P GS A 3 8.36 4.32 -1.99
OP1 GS A 3 9.23 5.38 -2.54
S2P GS A 3 8.25 4.04 0.09
O5' GS A 3 6.86 4.59 -2.52
C5' GS A 3 6.61 4.82 -3.91
C4' GS A 3 5.12 5.01 -4.20
O4' GS A 3 4.41 3.79 -3.94
C3' GS A 3 4.46 6.10 -3.34
O3' GS A 3 3.54 6.83 -4.15
C2' GS A 3 3.70 5.33 -2.28
C1' GS A 3 3.35 4.04 -3.00
N9 GS A 3 3.25 2.86 -2.12
C8 GS A 3 4.06 2.48 -1.08
N7 GS A 3 3.68 1.37 -0.50
C5 GS A 3 2.54 0.99 -1.20
C6 GS A 3 1.69 -0.13 -1.01
O6 GS A 3 1.79 -1.04 -0.18
N1 GS A 3 0.66 -0.14 -1.93
C2 GS A 3 0.44 0.82 -2.90
N2 GS A 3 -0.62 0.64 -3.69
N3 GS A 3 1.25 1.88 -3.07
C4 GS A 3 2.27 1.90 -2.19
H5' GS A 3 7.15 5.70 -4.24
H4' GS A 3 4.99 5.25 -5.24
H3' GS A 3 5.21 6.76 -2.91
H2' GS A 3 2.80 5.86 -1.99
H1' GS A 3 2.42 4.16 -3.54
H8 GS A 3 4.93 3.04 -0.77
HN1 GS A 3 0.00 -0.91 -1.87
HN21 GS A 3 -1.21 -0.15 -3.56
HN22 GS A 3 -0.82 1.32 -4.42
P GS B 7 -3.03 -6.06 6.44
OP1 GS B 7 -3.71 -7.29 6.93
S2P GS B 7 -0.97 -6.08 6.07
O5' GS B 7 -3.77 -5.57 5.10
C5' GS B 7 -5.18 -5.31 5.09
C4' GS B 7 -5.66 -4.83 3.73
O4' GS B 7 -5.04 -3.58 3.41
C3' GS B 7 -5.35 -5.79 2.59
O3' GS B 7 -6.43 -5.81 1.66
C2' GS B 7 -4.13 -5.18 1.91
C1' GS B 7 -4.32 -3.69 2.18
N9 GS B 7 -3.06 -2.94 2.32
C8 GS B 7 -1.94 -3.24 3.05
N7 GS B 7 -0.99 -2.35 2.95
C5 GS B 7 -1.52 -1.38 2.12
C6 GS B 7 -0.95 -0.16 1.66
O6 GS B 7 0.15 0.31 1.92
N1 GS B 7 -1.83 0.53 0.82
C2 GS B 7 -3.09 0.10 0.47
N2 GS B 7 -3.78 0.90 -0.34
N3 GS B 7 -3.63 -1.04 0.90
C4 GS B 7 -2.79 -1.73 1.72
H5' GS B 7 -5.71 -6.23 5.36
H4' GS B 7 -6.74 -4.68 3.77
H3' GS B 7 -5.12 -6.79 2.95
H2' GS B 7 -4.14 -5.38 0.84
H1' GS B 7 -4.92 -3.26 1.39
H8 GS B 7 -1.85 -4.15 3.63
HN1 GS B 7 -1.50 1.41 0.46
HN21 GS B 7 -3.38 1.76 -0.67
HN22 GS B 7 -4.71 0.63 -0.64
P GS A 3 8.34 4.29 -1.94
OP1 GS A 3 9.22 5.34 -2.50
S2P GS A 3 8.22 3.99 0.13
O5' GS A 3 6.85 4.57 -2.48
C5' GS A 3 6.60 4.81 -3.88
C4' GS A 3 5.12 5.01 -4.17
O4' GS A 3 4.39 3.81 -3.91
C3' GS A 3 4.47 6.11 -3.32
O3' GS A 3 3.55 6.86 -4.12
C2' GS A 3 3.70 5.35 -2.26
C1' GS A 3 3.35 4.05 -2.97
N9 GS A 3 3.23 2.87 -2.09
C8 GS A 3 4.04 2.49 -1.05
N7 GS A 3 3.66 1.38 -0.48
C5 GS A 3 2.53 1.01 -1.17
C6 GS A 3 1.67 -0.12 -0.99
O6 GS A 3 1.77 -1.03 -0.17
N1 GS A 3 0.63 -0.11 -1.91
C2 GS A 3 0.43 0.85 -2.88
N2 GS A 3 -0.63 0.68 -3.68
N3 GS A 3 1.22 1.91 -3.06
C4 GS A 3 2.25 1.92 -2.17
H5' GS A 3 7.15 5.69 -4.19
H4' GS A 3 5.00 5.26 -5.21
H3' GS A 3 5.22 6.76 -2.87
H2' GS A 3 2.80 5.88 -1.96
H1' GS A 3 2.41 4.18 -3.52
H8 GS A 3 4.92 3.06 -0.75
HN1 GS A 3 -0.02 -0.89 -1.85
HN21 GS A 3 -1.23 -0.13 -3.55
HN22 GS A 3 -0.83 1.35 -4.41
P GS B 7 -3.05 -6.01 6.47
OP1 GS B 7 -3.72 -7.23 6.94
S2P GS B 7 -0.99 -6.03 6.08
O5' GS B 7 -3.79 -5.51 5.12
C5' GS B 7 -5.20 -5.25 5.12
C4' GS B 7 -5.68 -4.77 3.76
O4' GS B 7 -5.06 -3.51 3.43
C3' GS B 7 -5.38 -5.73 2.61
O3' GS B 7 -6.47 -5.74 1.69
C2' GS B 7 -4.16 -5.13 1.95
C1' GS B 7 -4.34 -3.64 2.21
N9 GS B 7 -3.08 -2.89 2.34
C8 GS B 7 -1.96 -3.20 3.06
N7 GS B 7 -1.01 -2.31 2.97
C5 GS B 7 -1.54 -1.34 2.13
C6 GS B 7 -0.97 -0.12 1.67
O6 GS B 7 0.15 0.34 1.92
N1 GS B 7 -1.84 0.56 0.83
C2 GS B 7 -3.10 0.13 0.47
N2 GS B 7 -3.79 0.93 -0.34
N3 GS B 7 -3.64 -1.00 0.91
C4 GS B 7 -2.81 -1.68 1.73
H5' GS B 7 -5.74 -6.16 5.39
H4' GS B 7 -6.76 -4.61 3.81
H3' GS B 7 -5.17 -6.73 2.99
H2' GS B 7 -4.17 -5.33 0.88
H1' GS B 7 -4.94 -3.21 1.40
H8 GS B 7 -1.87 -4.11 3.66
HN1 GS B 7 -1.49 1.43 0.46
HN21 GS B 7 -3.37 1.79 -0.67
HN22 GS B 7 -4.72 0.67 -0.63
P GS A 3 8.33 4.28 -1.93
OP1 GS A 3 9.21 5.34 -2.48
S2P GS A 3 8.19 4.01 0.15
O5' GS A 3 6.84 4.54 -2.49
C5' GS A 3 6.61 4.76 -3.88
C4' GS A 3 5.13 4.96 -4.18
O4' GS A 3 4.40 3.74 -3.93
C3' GS A 3 4.46 6.06 -3.37
O3' GS A 3 3.55 6.79 -4.19
C2' GS A 3 3.69 5.31 -2.30
C1' GS A 3 3.34 4.01 -3.00
N9 GS A 3 3.22 2.84 -2.11
C8 GS A 3 4.02 2.47 -1.06
N7 GS A 3 3.64 1.36 -0.47
C5 GS A 3 2.50 0.97 -1.19
C6 GS A 3 1.65 -0.15 -1.01
O6 GS A 3 1.75 -1.04 -0.17
N1 GS A 3 0.62 -0.16 -1.94
C2 GS A 3 0.43 0.78 -2.92
N2 GS A 3 -0.61 0.61 -3.72
N3 GS A 3 1.24 1.84 -3.09
C4 GS A 3 2.24 1.88 -2.18
H5' GS A 3 7.16 5.65 -4.20
H4' GS A 3 5.01 5.20 -5.24
H3' GS A 3 5.20 6.72 -2.91
H2' GS A 3 2.78 5.85 -2.03
H1' GS A 3 2.42 4.13 -3.56
H8 GS A 3 4.89 3.04 -0.75
HN1 GS A 3 -0.02 -0.93 -1.87
HN21 GS A 3 -1.21 -0.20 -3.60
HN22 GS A 3 -0.80 1.27 -4.47
P GS B 7 -3.15 -6.00 6.42
OP1 GS B 7 -3.85 -7.22 6.91
S2P GS B 7 -1.08 -6.07 6.05
O5' GS B 7 -3.87 -5.52 5.07
C5' GS B 7 -5.28 -5.25 5.05
C4' GS B 7 -5.75 -4.78 3.68
O4' GS B 7 -5.11 -3.53 3.35
C3' GS B 7 -5.43 -5.76 2.56
O3' GS B 7 -6.51 -5.78 1.62
C2' GS B 7 -4.20 -5.15 1.88
C1' GS B 7 -4.39 -3.66 2.13
N9 GS B 7 -3.13 -2.91 2.27
C8 GS B 7 -2.01 -3.22 3.00
N7 GS B 7 -1.06 -2.34 2.92
C5 GS B 7 -1.59 -1.36 2.07
C6 GS B 7 -1.01 -0.15 1.61
O6 GS B 7 0.09 0.32 1.87
N1 GS B 7 -1.88 0.55 0.77
C2 GS B 7 -3.14 0.12 0.42
N2 GS B 7 -3.83 0.92 -0.41
N3 GS B 7 -3.68 -1.02 0.84
C4 GS B 7 -2.85 -1.71 1.67
H5' GS B 7 -5.82 -6.15 5.33
H4' GS B 7 -6.83 -4.61 3.72
H3' GS B 7 -5.22 -6.75 2.94
H2' GS B 7 -4.20 -5.37 0.81
H1' GS B 7 -4.98 -3.24 1.32
H8 GS B 7 -1.92 -4.14 3.59
HN1 GS B 7 -1.54 1.42 0.41
HN21 GS B 7 -3.42 1.78 -0.73
HN22 GS B 7 -4.76 0.65 -0.70
P GS A 3 8.43 4.17 -1.94
OP1 GS A 3 9.33 5.23 -2.46
S2P GS A 3 8.32 3.83 0.13
O5' GS A 3 6.94 4.45 -2.48
C5' GS A 3 6.70 4.71 -3.86
C4' GS A 3 5.22 4.92 -4.14
O4' GS A 3 4.49 3.71 -3.90
C3' GS A 3 4.58 6.02 -3.30
O3' GS A 3 3.65 6.76 -4.10
C2' GS A 3 3.80 5.25 -2.25
C1' GS A 3 3.45 3.96 -2.96
N9 GS A 3 3.33 2.79 -2.08
C8 GS A 3 4.14 2.39 -1.05
N7 GS A 3 3.75 1.28 -0.47
C5 GS A 3 2.61 0.93 -1.16
C6 GS A 3 1.74 -0.18 -0.97
O6 GS A 3 1.84 -1.10 -0.15
N1 GS A 3 0.68 -0.17 -1.88
C2 GS A 3 0.48 0.79 -2.84
N2 GS A 3 -0.58 0.64 -3.63
N3 GS A 3 1.29 1.83 -3.02
C4 GS A 3 2.33 1.84 -2.15
H5' GS A 3 7.25 5.60 -4.16
H4' GS A 3 5.10 5.17 -5.20
H3' GS A 3 5.32 6.66 -2.85
H2' GS A 3 2.90 5.80 -1.96
H1' GS A 3 2.50 4.10 -3.50
H8 GS A 3 5.03 2.95 -0.75
HN1 GS A 3 0.03 -0.94 -1.81
HN21 GS A 3 -1.20 -0.16 -3.49
HN22 GS A 3 -0.78 1.31 -4.36
P GS B 7 -3.09 -6.00 6.57
OP1 GS B 7 -3.77 -7.22 7.06
S2P GS B 7 -1.02 -6.05 6.21
O5' GS B 7 -3.82 -5.52 5.22
C5' GS B 7 -5.22 -5.25 5.20
C4' GS B 7 -5.69 -4.77 3.83
O4' GS B 7 -5.05 -3.52 3.51
C3' GS B 7 -5.38 -5.74 2.69
O3' GS B 7 -6.46 -5.75 1.76
C2' GS B 7 -4.15 -5.14 2.02
C1' GS B 7 -4.32 -3.65 2.28
N9 GS B 7 -3.06 -2.91 2.41
C8 GS B 7 -1.95 -3.22 3.14
N7 GS B 7 -0.99 -2.34 3.05
C5 GS B 7 -1.51 -1.37 2.20
C6 GS B 7 -0.93 -0.16 1.74
O6 GS B 7 0.19 0.30 1.99
N1 GS B 7 -1.79 0.53 0.89
C2 GS B 7 -3.05 0.11 0.54
N2 GS B 7 -3.74 0.91 -0.29
N3 GS B 7 -3.60 -1.03 0.97
C4 GS B 7 -2.78 -1.71 1.80
H5' GS B 7 -5.76 -6.16 5.46
H4' GS B 7 -6.76 -4.60 3.87
H3' GS B 7 -5.17 -6.74 3.07
H2' GS B 7 -4.16 -5.35 0.96
H1' GS B 7 -4.92 -3.22 1.47
H8 GS B 7 -1.86 -4.13 3.74
HN1 GS B 7 -1.44 1.41 0.52
HN21 GS B 7 -3.32 1.76 -0.62
HN22 GS B 7 -4.67 0.64 -0.58
P GS A 3 8.24 4.47 -1.96
OP1 GS A 3 9.10 5.53 -2.52
S2P GS A 3 8.12 4.20 0.13
O5' GS A 3 6.74 4.69 -2.50
C5' GS A 3 6.50 4.90 -3.90
C4' GS A 3 5.01 5.07 -4.20
O4' GS A 3 4.31 3.84 -3.94
C3' GS A 3 4.34 6.16 -3.36
O3' GS A 3 3.41 6.87 -4.18
C2' GS A 3 3.58 5.38 -2.30
C1' GS A 3 3.26 4.08 -3.01
N9 GS A 3 3.15 2.91 -2.13
C8 GS A 3 3.95 2.54 -1.07
N7 GS A 3 3.59 1.43 -0.50
C5 GS A 3 2.46 1.03 -1.21
C6 GS A 3 1.64 -0.11 -1.03
O6 GS A 3 1.74 -1.01 -0.20
N1 GS A 3 0.61 -0.14 -1.97
C2 GS A 3 0.39 0.82 -2.94
N2 GS A 3 -0.64 0.62 -3.75
N3 GS A 3 1.18 1.88 -3.11
C4 GS A 3 2.19 1.93 -2.21
H5' GS A 3 7.03 5.78 -4.23
H4' GS A 3 4.90 5.31 -5.24
H3' GS A 3 5.08 6.82 -2.91
H2' GS A 3 2.67 5.90 -2.01
H1' GS A 3 2.32 4.20 -3.56
H8 GS A 3 4.82 3.13 -0.75
HN1 GS A 3 -0.02 -0.93 -1.91
HN21 GS A 3 -1.24 -0.19 -3.63
HN22 GS A 3 -0.85 1.28 -4.48
P GS B 7 -3.13 -6.10 6.38
OP1 GS B 7 -3.82 -7.32 6.85
S2P GS B 7 -1.06 -6.14 6.03
O5' GS B 7 -3.86 -5.62 5.03
C5' GS B 7 -5.27 -5.35 5.01
C4' GS B 7 -5.74 -4.87 3.64
O4' GS B 7 -5.11 -3.61 3.32
C3' GS B 7 -5.40 -5.83 2.50
O3' GS B 7 -6.48 -5.86 1.56
C2' GS B 7 -4.18 -5.21 1.84
C1' GS B 7 -4.39 -3.73 2.10
N9 GS B 7 -3.14 -2.96 2.24
C8 GS B 7 -2.02 -3.26 2.98
N7 GS B 7 -1.08 -2.36 2.90
C5 GS B 7 -1.61 -1.38 2.06
C6 GS B 7 -1.06 -0.15 1.61
O6 GS B 7 0.04 0.33 1.89
N1 GS B 7 -1.93 0.53 0.79
C2 GS B 7 -3.19 0.09 0.42
N2 GS B 7 -3.88 0.88 -0.39
N3 GS B 7 -3.72 -1.06 0.85
C4 GS B 7 -2.88 -1.74 1.66
H5' GS B 7 -5.80 -6.26 5.27
H4' GS B 7 -6.80 -4.72 3.67
H3' GS B 7 -5.18 -6.83 2.88
H2' GS B 7 -4.18 -5.41 0.77
H1' GS B 7 -4.98 -3.29 1.29
H8 GS B 7 -1.92 -4.17 3.56
HN1 GS B 7 -1.61 1.41 0.42
HN21 GS B 7 -3.48 1.76 -0.71
HN22 GS B 7 -4.82 0.61 -0.69
P GS A 3 8.27 4.39 -1.93
OP1 GS A 3 9.15 5.45 -2.48
S2P GS A 3 8.14 4.11 0.15
O5' GS A 3 6.78 4.65 -2.48
C5' GS A 3 6.54 4.86 -3.87
C4' GS A 3 5.06 5.06 -4.17
O4' GS A 3 4.35 3.84 -3.93
C3' GS A 3 4.40 6.16 -3.34
O3' GS A 3 3.48 6.88 -4.15
C2' GS A 3 3.62 5.38 -2.28
C1' GS A 3 3.28 4.09 -3.00
N9 GS A 3 3.18 2.92 -2.11
C8 GS A 3 3.97 2.54 -1.06
N7 GS A 3 3.62 1.44 -0.48
C5 GS A 3 2.48 1.05 -1.19
C6 GS A 3 1.64 -0.09 -1.02
O6 GS A 3 1.74 -1.00 -0.19
N1 GS A 3 0.61 -0.11 -1.94
C2 GS A 3 0.41 0.85 -2.93
N2 GS A 3 -0.64 0.66 -3.73
N3 GS A 3 1.20 1.92 -3.09
C4 GS A 3 2.21 1.95 -2.19
H5' GS A 3 7.09 5.76 -4.20
H4' GS A 3 4.95 5.31 -5.23
H3' GS A 3 5.14 6.82 -2.88
H2' GS A 3 2.72 5.92 -2.00
H1' GS A 3 2.36 4.21 -3.54
H8 GS A 3 4.85 3.12 -0.74
HN1 GS A 3 -0.03 -0.89 -1.89
HN21 GS A 3 -1.24 -0.14 -3.60
HN22 GS A 3 -0.84 1.32 -4.46
P GS B 7 -3.15 -6.04 6.41
OP1 GS B 7 -3.84 -7.25 6.88
S2P GS B 7 -1.08 -6.10 6.03
O5' GS B 7 -3.87 -5.54 5.06
C5' GS B 7 -5.28 -5.27 5.06
C4' GS B 7 -5.75 -4.79 3.69
O4' GS B 7 -5.12 -3.53 3.37
C3' GS B 7 -5.43 -5.75 2.54
O3' GS B 7 -6.52 -5.76 1.61
C2' GS B 7 -4.22 -5.13 1.88
C1' GS B 7 -4.40 -3.65 2.14
N9 GS B 7 -3.14 -2.89 2.27
C8 GS B 7 -2.02 -3.21 2.99
N7 GS B 7 -1.07 -2.30 2.91
C5 GS B 7 -1.61 -1.33 2.07
C6 GS B 7 -1.03 -0.11 1.62
O6 GS B 7 0.07 0.35 1.87
N1 GS B 7 -1.90 0.57 0.78
C2 GS B 7 -3.17 0.15 0.43
N2 GS B 7 -3.86 0.94 -0.38
N3 GS B 7 -3.71 -1.00 0.86
C4 GS B 7 -2.87 -1.68 1.68
H5' GS B 7 -5.83 -6.17 5.31
H4' GS B 7 -6.82 -4.62 3.72
H3' GS B 7 -5.22 -6.75 2.91
H2' GS B 7 -4.22 -5.34 0.80
H1' GS B 7 -5.00 -3.22 1.33
H8 GS B 7 -1.93 -4.12 3.59
HN1 GS B 7 -1.57 1.46 0.42
HN21 GS B 7 -3.46 1.80 -0.71
HN22 GS B 7 -4.79 0.68 -0.68
P GS A 3 8.36 4.28 -2.02
OP1 GS A 3 9.24 5.35 -2.57
S2P GS A 3 8.24 3.99 0.06
O5' GS A 3 6.86 4.53 -2.56
C5' GS A 3 6.62 4.75 -3.96
C4' GS A 3 5.14 4.94 -4.24
O4' GS A 3 4.43 3.72 -3.99
C3' GS A 3 4.48 6.03 -3.40
O3' GS A 3 3.56 6.77 -4.22
C2' GS A 3 3.72 5.27 -2.35
C1' GS A 3 3.37 3.97 -3.06
N9 GS A 3 3.27 2.79 -2.17
C8 GS A 3 4.08 2.42 -1.13
N7 GS A 3 3.71 1.32 -0.55
C5 GS A 3 2.57 0.92 -1.25
C6 GS A 3 1.73 -0.21 -1.07
O6 GS A 3 1.84 -1.11 -0.24
N1 GS A 3 0.70 -0.23 -1.99
C2 GS A 3 0.49 0.72 -2.97
N2 GS A 3 -0.57 0.54 -3.75
N3 GS A 3 1.27 1.79 -3.13
C4 GS A 3 2.30 1.83 -2.25
H5' GS A 3 7.17 5.63 -4.28
H4' GS A 3 5.01 5.18 -5.30
H3' GS A 3 5.23 6.69 -2.95
H2' GS A 3 2.81 5.80 -2.06
H1' GS A 3 2.43 4.09 -3.60
H8 GS A 3 4.95 3.00 -0.82
HN1 GS A 3 0.06 -1.01 -1.93
HN21 GS A 3 -1.16 -0.26 -3.63
HN22 GS A 3 -0.77 1.21 -4.50
P GS B 7 -3.05 -6.04 6.44
OP1 GS B 7 -3.73 -7.27 6.93
S2P GS B 7 -0.99 -6.06 6.09
O5' GS B 7 -3.78 -5.58 5.08
C5' GS B 7 -5.19 -5.33 5.06
C4' GS B 7 -5.66 -4.86 3.69
O4' GS B 7 -5.04 -3.60 3.37
C3' GS B 7 -5.33 -5.83 2.55
O3' GS B 7 -6.41 -5.87 1.62
C2' GS B 7 -4.11 -5.22 1.90
C1' GS B 7 -4.31 -3.74 2.14
N9 GS B 7 -3.05 -2.97 2.29
C8 GS B 7 -1.94 -3.27 3.02
N7 GS B 7 -0.99 -2.37 2.94
C5 GS B 7 -1.52 -1.41 2.09
C6 GS B 7 -0.95 -0.19 1.63
O6 GS B 7 0.15 0.29 1.89
N1 GS B 7 -1.82 0.49 0.78
C2 GS B 7 -3.08 0.06 0.42
N2 GS B 7 -3.77 0.84 -0.41
N3 GS B 7 -3.62 -1.09 0.86
C4 GS B 7 -2.78 -1.76 1.69
H5' GS B 7 -5.72 -6.24 5.33
H4' GS B 7 -6.73 -4.71 3.72
H3' GS B 7 -5.11 -6.83 2.94
H2' GS B 7 -4.11 -5.43 0.83
H1' GS B 7 -4.89 -3.31 1.34
H8 GS B 7 -1.85 -4.18 3.62
HN1 GS B 7 -1.49 1.37 0.42
HN21 GS B 7 -3.36 1.70 -0.74
HN22 GS B 7 -4.69 0.57 -0.71
P GS A 3 8.30 4.37 -1.97
OP1 GS A 3 9.16 5.44 -2.53
S2P GS A 3 8.19 4.10 0.11
O5' GS A 3 6.79 4.61 -2.51
C5' GS A 3 6.56 4.83 -3.90
C4' GS A 3 5.07 5.02 -4.19
O4' GS A 3 4.36 3.80 -3.93
C3' GS A 3 4.41 6.12 -3.35
O3' GS A 3 3.48 6.84 -4.15
C2' GS A 3 3.64 5.34 -2.28
C1' GS A 3 3.30 4.05 -3.00
N9 GS A 3 3.20 2.87 -2.12
C8 GS A 3 4.00 2.50 -1.07
N7 GS A 3 3.63 1.39 -0.48
C5 GS A 3 2.51 1.00 -1.20
C6 GS A 3 1.67 -0.14 -1.02
O6 GS A 3 1.77 -1.04 -0.19
N1 GS A 3 0.63 -0.16 -1.95
C2 GS A 3 0.43 0.79 -2.92
N2 GS A 3 -0.62 0.61 -3.73
N3 GS A 3 1.22 1.86 -3.09
C4 GS A 3 2.23 1.90 -2.19
H5' GS A 3 7.10 5.72 -4.22
H4' GS A 3 4.94 5.27 -5.24
H3' GS A 3 5.15 6.77 -2.90
H2' GS A 3 2.73 5.88 -2.00
H1' GS A 3 2.38 4.16 -3.54
H8 GS A 3 4.87 3.08 -0.75
HN1 GS A 3 0.00 -0.94 -1.89
HN21 GS A 3 -1.21 -0.20 -3.60
HN22 GS A 3 -0.82 1.28 -4.46
P GS B 7 -3.10 -6.06 6.41
OP1 GS B 7 -3.79 -7.29 6.89
S2P GS B 7 -1.03 -6.10 6.04
O5' GS B 7 -3.84 -5.57 5.06
C5' GS B 7 -5.24 -5.31 5.04
C4' GS B 7 -5.72 -4.84 3.69
O4' GS B 7 -5.09 -3.58 3.36
C3' GS B 7 -5.40 -5.80 2.54
O3' GS B 7 -6.48 -5.82 1.61
C2' GS B 7 -4.18 -5.19 1.87
C1' GS B 7 -4.38 -3.70 2.13
N9 GS B 7 -3.11 -2.94 2.27
C8 GS B 7 -2.00 -3.25 3.00
N7 GS B 7 -1.05 -2.35 2.91
C5 GS B 7 -1.58 -1.38 2.07
C6 GS B 7 -1.01 -0.16 1.62
O6 GS B 7 0.09 0.31 1.87
N1 GS B 7 -1.89 0.53 0.78
C2 GS B 7 -3.15 0.09 0.42
N2 GS B 7 -3.83 0.89 -0.39
N3 GS B 7 -3.68 -1.05 0.85
C4 GS B 7 -2.84 -1.74 1.67
H5' GS B 7 -5.78 -6.22 5.31
H4' GS B 7 -6.80 -4.68 3.72
H3' GS B 7 -5.18 -6.80 2.92
H2' GS B 7 -4.18 -5.39 0.81
H1' GS B 7 -4.97 -3.27 1.33
H8 GS B 7 -1.90 -4.16 3.59
HN1 GS B 7 -1.55 1.40 0.41
HN21 GS B 7 -3.43 1.75 -0.72
HN22 GS B 7 -4.76 0.62 -0.69
P GS A 3 8.37 4.27 -1.93
OP1 GS A 3 9.25 5.34 -2.44
S2P GS A 3 8.25 3.93 0.14
O5' GS A 3 6.88 4.55 -2.47
C5' GS A 3 6.64 4.80 -3.86
C4' GS A 3 5.15 4.99 -4.14
O4' GS A 3 4.44 3.77 -3.90
C3' GS A 3 4.49 6.08 -3.30
O3' GS A 3 3.57 6.83 -4.10
C2' GS A 3 3.73 5.32 -2.24
C1' GS A 3 3.38 4.03 -2.96
N9 GS A 3 3.27 2.84 -2.09
C8 GS A 3 4.09 2.45 -1.05
N7 GS A 3 3.71 1.35 -0.48
C5 GS A 3 2.57 0.97 -1.17
C6 GS A 3 1.72 -0.15 -0.99
O6 GS A 3 1.81 -1.06 -0.17
N1 GS A 3 0.67 -0.15 -1.90
C2 GS A 3 0.47 0.82 -2.87
N2 GS A 3 -0.60 0.66 -3.65
N3 GS A 3 1.26 1.87 -3.03
C4 GS A 3 2.29 1.89 -2.16
H5' GS A 3 7.18 5.68 -4.16
H4' GS A 3 5.03 5.25 -5.20
H3' GS A 3 5.25 6.74 -2.84
H2' GS A 3 2.83 5.85 -1.95
H1' GS A 3 2.44 4.15 -3.51
H8 GS A 3 4.96 3.01 -0.74
HN1 GS A 3 0.02 -0.92 -1.84
HN21 GS A 3 -1.20 -0.15 -3.53
HN22 GS A 3 -0.80 1.33 -4.38
P GS B 7 -2.98 -6.06 6.49
OP1 GS B 7 -3.65 -7.29 6.97
S2P GS B 7 -0.92 -6.07 6.11
O5' GS B 7 -3.73 -5.57 5.14
C5' GS B 7 -5.13 -5.32 5.15
C4' GS B 7 -5.62 -4.84 3.79
O4' GS B 7 -4.99 -3.58 3.46
C3' GS B 7 -5.31 -5.80 2.64
O3' GS B 7 -6.40 -5.81 1.71
C2' GS B 7 -4.10 -5.18 1.96
C1' GS B 7 -4.28 -3.70 2.23
N9 GS B 7 -3.02 -2.95 2.36
C8 GS B 7 -1.90 -3.25 3.09
N7 GS B 7 -0.96 -2.36 3.00
C5 GS B 7 -1.49 -1.39 2.15
C6 GS B 7 -0.91 -0.17 1.69
O6 GS B 7 0.19 0.29 1.95
N1 GS B 7 -1.79 0.51 0.85
C2 GS B 7 -3.05 0.08 0.50
N2 GS B 7 -3.74 0.88 -0.31
N3 GS B 7 -3.58 -1.06 0.94
C4 GS B 7 -2.76 -1.75 1.76
H5' GS B 7 -5.66 -6.24 5.41
H4' GS B 7 -6.70 -4.68 3.83
H3' GS B 7 -5.09 -6.80 3.00
H2' GS B 7 -4.10 -5.39 0.89
H1' GS B 7 -4.88 -3.27 1.43
H8 GS B 7 -1.81 -4.16 3.68
HN1 GS B 7 -1.45 1.39 0.49
HN21 GS B 7 -3.34 1.74 -0.65
HN22 GS B 7 -4.68 0.61 -0.60
P GS A 3 8.29 4.31 -1.85
OP1 GS A 3 9.18 5.36 -2.39
S2P GS A 3 8.14 4.05 0.24
O5' GS A 3 6.80 4.57 -2.42
C5' GS A 3 6.58 4.79 -3.81
C4' GS A 3 5.10 4.99 -4.12
O4' GS A 3 4.38 3.77 -3.87
C3' GS A 3 4.44 6.09 -3.31
O3' GS A 3 3.53 6.82 -4.13
C2' GS A 3 3.66 5.32 -2.24
C1' GS A 3 3.32 4.02 -2.96
N9 GS A 3 3.19 2.86 -2.07
C8 GS A 3 3.98 2.48 -1.01
N7 GS A 3 3.60 1.38 -0.43
C5 GS A 3 2.48 0.99 -1.15
C6 GS A 3 1.63 -0.15 -0.99
O6 GS A 3 1.73 -1.04 -0.15
N1 GS A 3 0.63 -0.16 -1.93
C2 GS A 3 0.43 0.78 -2.92
N2 GS A 3 -0.60 0.60 -3.73
N3 GS A 3 1.23 1.85 -3.07
C4 GS A 3 2.22 1.89 -2.16
H5' GS A 3 7.14 5.67 -4.13
H4' GS A 3 5.01 5.23 -5.18
H3' GS A 3 5.18 6.75 -2.85
H2' GS A 3 2.74 5.87 -1.98
H1' GS A 3 2.40 4.16 -3.52
H8 GS A 3 4.84 3.07 -0.68
HN1 GS A 3 -0.02 -0.94 -1.87
HN21 GS A 3 -1.20 -0.21 -3.61
HN22 GS A 3 -0.79 1.26 -4.47
P GS B 7 -3.21 -5.97 6.40
OP1 GS B 7 -3.90 -7.19 6.89
S2P GS B 7 -1.14 -6.02 6.04
O5' GS B 7 -3.93 -5.49 5.04
C5' GS B 7 -5.34 -5.22 5.03
C4' GS B 7 -5.80 -4.75 3.65
O4' GS B 7 -5.17 -3.51 3.32
C3' GS B 7 -5.48 -5.74 2.51
O3' GS B 7 -6.55 -5.75 1.58
C2' GS B 7 -4.25 -5.13 1.85
C1' GS B 7 -4.43 -3.64 2.10
N9 GS B 7 -3.18 -2.89 2.25
C8 GS B 7 -2.06 -3.21 2.98
N7 GS B 7 -1.11 -2.31 2.90
C5 GS B 7 -1.63 -1.34 2.05
C6 GS B 7 -1.05 -0.12 1.59
O6 GS B 7 0.06 0.33 1.86
N1 GS B 7 -1.92 0.57 0.75
C2 GS B 7 -3.18 0.14 0.40
N2 GS B 7 -3.86 0.94 -0.44
N3 GS B 7 -3.72 -1.00 0.82
C4 GS B 7 -2.89 -1.68 1.65
H5' GS B 7 -5.88 -6.13 5.29
H4' GS B 7 -6.87 -4.59 3.67
H3' GS B 7 -5.27 -6.73 2.90
H2' GS B 7 -4.25 -5.35 0.78
H1' GS B 7 -5.02 -3.21 1.29
H8 GS B 7 -1.98 -4.11 3.57
HN1 GS B 7 -1.56 1.44 0.39
HN21 GS B 7 -3.44 1.80 -0.76
HN22 GS B 7 -4.79 0.68 -0.73
P GS A 3 8.40 4.24 -2.01
OP1 GS A 3 9.28 5.30 -2.56
S2P GS A 3 8.30 3.92 0.06
O5' GS A 3 6.90 4.50 -2.54
C5' GS A 3 6.65 4.75 -3.92
C4' GS A 3 5.17 4.94 -4.21
O4' GS A 3 4.45 3.73 -3.95
C3' GS A 3 4.52 6.04 -3.35
O3' GS A 3 3.60 6.78 -4.15
C2' GS A 3 3.75 5.26 -2.29
C1' GS A 3 3.41 3.97 -3.01
N9 GS A 3 3.31 2.79 -2.13
C8 GS A 3 4.12 2.40 -1.10
N7 GS A 3 3.75 1.30 -0.53
C5 GS A 3 2.60 0.92 -1.22
C6 GS A 3 1.75 -0.20 -1.03
O6 GS A 3 1.86 -1.11 -0.21
N1 GS A 3 0.70 -0.20 -1.94
C2 GS A 3 0.49 0.76 -2.90
N2 GS A 3 -0.58 0.60 -3.68
N3 GS A 3 1.28 1.82 -3.08
C4 GS A 3 2.32 1.84 -2.20
H5' GS A 3 7.20 5.63 -4.24
H4' GS A 3 5.05 5.20 -5.25
H3' GS A 3 5.27 6.68 -2.90
H2' GS A 3 2.85 5.80 -1.99
H1' GS A 3 2.47 4.11 -3.54
H8 GS A 3 5.00 2.97 -0.80
HN1 GS A 3 0.06 -0.97 -1.87
HN21 GS A 3 -1.18 -0.20 -3.56
HN22 GS A 3 -0.78 1.27 -4.41
P GS B 7 -3.01 -6.03 6.49
OP1 GS B 7 -3.67 -7.26 6.98
S2P GS B 7 -0.94 -6.03 6.12
O5' GS B 7 -3.75 -5.55 5.14
C5' GS B 7 -5.16 -5.31 5.14
C4' GS B 7 -5.64 -4.83 3.78
O4' GS B 7 -5.01 -3.57 3.45
C3' GS B 7 -5.33 -5.79 2.63
O3' GS B 7 -6.43 -5.80 1.71
C2' GS B 7 -4.12 -5.17 1.95
C1' GS B 7 -4.30 -3.69 2.22
N9 GS B 7 -3.05 -2.93 2.35
C8 GS B 7 -1.92 -3.25 3.08
N7 GS B 7 -0.98 -2.36 2.99
C5 GS B 7 -1.51 -1.39 2.14
C6 GS B 7 -0.93 -0.18 1.67
O6 GS B 7 0.19 0.29 1.94
N1 GS B 7 -1.79 0.51 0.84
C2 GS B 7 -3.05 0.08 0.49
N2 GS B 7 -3.74 0.88 -0.34
N3 GS B 7 -3.59 -1.05 0.93
C4 GS B 7 -2.76 -1.74 1.75
H5' GS B 7 -5.69 -6.23 5.39
H4' GS B 7 -6.72 -4.66 3.82
H3' GS B 7 -5.12 -6.79 3.00
H2' GS B 7 -4.13 -5.38 0.88
H1' GS B 7 -4.90 -3.25 1.42
H8 GS B 7 -1.84 -4.16 3.68
HN1 GS B 7 -1.46 1.38 0.47
HN21 GS B 7 -3.33 1.74 -0.67
HN22 GS B 7 -4.67 0.62 -0.63
P GS A 3 8.41 4.18 -1.93
OP1 GS A 3 9.31 5.24 -2.46
S2P GS A 3 8.29 3.87 0.14
O5' GS A 3 6.92 4.47 -2.47
C5' GS A 3 6.69 4.72 -3.86
C4' GS A 3 5.21 4.94 -4.16
O4' GS A 3 4.48 3.73 -3.90
C3' GS A 3 4.56 6.04 -3.31
O3' GS A 3 3.64 6.79 -4.12
C2' GS A 3 3.79 5.28 -2.25
C1' GS A 3 3.42 3.99 -2.97
N9 GS A 3 3.30 2.82 -2.09
C8 GS A 3 4.11 2.43 -1.05
N7 GS A 3 3.73 1.33 -0.47
C5 GS A 3 2.58 0.96 -1.16
C6 GS A 3 1.71 -0.16 -0.98
O6 GS A 3 1.82 -1.06 -0.15
N1 GS A 3 0.67 -0.15 -1.89
C2 GS A 3 0.47 0.81 -2.86
N2 GS A 3 -0.59 0.66 -3.65
N3 GS A 3 1.28 1.86 -3.04
C4 GS A 3 2.31 1.87 -2.15
H5' GS A 3 7.24 5.62 -4.17
H4' GS A 3 5.09 5.19 -5.21
H3' GS A 3 5.31 6.69 -2.87
H2' GS A 3 2.88 5.83 -1.97
H1' GS A 3 2.49 4.13 -3.51
H8 GS A 3 5.00 2.98 -0.75
HN1 GS A 3 0.02 -0.91 -1.82
HN21 GS A 3 -1.20 -0.14 -3.51
HN22 GS A 3 -0.78 1.33 -4.37
P GS B 7 -3.06 -6.00 6.53
OP1 GS B 7 -3.74 -7.22 7.02
S2P GS B 7 -0.99 -6.03 6.17
O5' GS B 7 -3.79 -5.52 5.18
C5' GS B 7 -5.20 -5.25 5.18
C4' GS B 7 -5.67 -4.77 3.80
O4' GS B 7 -5.04 -3.52 3.47
C3' GS B 7 -5.36 -5.74 2.67
O3' GS B 7 -6.45 -5.75 1.74
C2' GS B 7 -4.14 -5.14 2.00
C1' GS B 7 -4.32 -3.66 2.25
N9 GS B 7 -3.06 -2.90 2.39
C8 GS B 7 -1.95 -3.21 3.11
N7 GS B 7 -0.98 -2.33 3.02
C5 GS B 7 -1.51 -1.36 2.18
C6 GS B 7 -0.92 -0.15 1.71
O6 GS B 7 0.18 0.31 1.96
N1 GS B 7 -1.79 0.54 0.86
C2 GS B 7 -3.05 0.12 0.52
N2 GS B 7 -3.73 0.91 -0.31
N3 GS B 7 -3.60 -1.02 0.96
C4 GS B 7 -2.77 -1.70 1.78
H5' GS B 7 -5.74 -6.16 5.43
H4' GS B 7 -6.75 -4.61 3.84
H3' GS B 7 -5.16 -6.74 3.04
H2' GS B 7 -4.14 -5.35 0.93
H1' GS B 7 -4.91 -3.21 1.44
H8 GS B 7 -1.85 -4.12 3.71
HN1 GS B 7 -1.45 1.41 0.50
HN21 GS B 7 -3.32 1.77 -0.64
HN22 GS B 7 -4.67 0.65 -0.60
P GS A 3 8.25 4.40 -1.84
OP1 GS A 3 9.14 5.45 -2.39
S2P GS A 3 8.12 4.11 0.24
O5' GS A 3 6.76 4.66 -2.40
C5' GS A 3 6.54 4.88 -3.79
C4' GS A 3 5.05 5.08 -4.09
O4' GS A 3 4.33 3.86 -3.84
C3' GS A 3 4.38 6.18 -3.26
O3' GS A 3 3.47 6.91 -4.08
C2' GS A 3 3.61 5.41 -2.21
C1' GS A 3 3.27 4.11 -2.92
N9 GS A 3 3.14 2.94 -2.03
C8 GS A 3 3.95 2.56 -0.99
N7 GS A 3 3.56 1.46 -0.41
C5 GS A 3 2.44 1.08 -1.12
C6 GS A 3 1.58 -0.06 -0.95
O6 GS A 3 1.67 -0.95 -0.12
N1 GS A 3 0.56 -0.06 -1.89
C2 GS A 3 0.37 0.90 -2.87
N2 GS A 3 -0.68 0.71 -3.67
N3 GS A 3 1.17 1.95 -3.02
C4 GS A 3 2.18 1.98 -2.12
H5' GS A 3 7.08 5.77 -4.11
H4' GS A 3 4.94 5.33 -5.15
H3' GS A 3 5.12 6.84 -2.81
H2' GS A 3 2.70 5.95 -1.93
H1' GS A 3 2.34 4.24 -3.47
H8 GS A 3 4.81 3.13 -0.66
HN1 GS A 3 -0.09 -0.84 -1.83
HN21 GS A 3 -1.28 -0.08 -3.54
HN22 GS A 3 -0.87 1.38 -4.40
P GS B 7 -3.17 -6.01 6.41
OP1 GS B 7 -3.85 -7.23 6.89
S2P GS B 7 -1.10 -6.07 6.04
O5' GS B 7 -3.90 -5.52 5.07
C5' GS B 7 -5.30 -5.24 5.06
C4' GS B 7 -5.78 -4.76 3.69
O4' GS B 7 -5.14 -3.50 3.38
C3' GS B 7 -5.47 -5.72 2.56
O3' GS B 7 -6.54 -5.74 1.62
C2' GS B 7 -4.24 -5.11 1.89
C1' GS B 7 -4.43 -3.63 2.15
N9 GS B 7 -3.16 -2.87 2.29
C8 GS B 7 -2.05 -3.18 3.02
N7 GS B 7 -1.09 -2.29 2.93
C5 GS B 7 -1.63 -1.32 2.10
C6 GS B 7 -1.05 -0.10 1.64
O6 GS B 7 0.05 0.37 1.91
N1 GS B 7 -1.93 0.60 0.81
C2 GS B 7 -3.19 0.17 0.46
N2 GS B 7 -3.87 0.96 -0.36
N3 GS B 7 -3.73 -0.97 0.88
C4 GS B 7 -2.89 -1.67 1.70
H5' GS B 7 -5.84 -6.14 5.32
H4' GS B 7 -6.85 -4.60 3.73
H3' GS B 7 -5.25 -6.72 2.93
H2' GS B 7 -4.24 -5.32 0.82
H1' GS B 7 -5.02 -3.19 1.35
H8 GS B 7 -1.95 -4.10 3.60
HN1 GS B 7 -1.59 1.47 0.45
HN21 GS B 7 -3.47 1.83 -0.69
HN22 GS B 7 -4.81 0.71 -0.65
P GS A 3 8.35 4.28 -1.89
OP1 GS A 3 9.24 5.35 -2.42
S2P GS A 3 8.23 3.96 0.19
O5' GS A 3 6.86 4.56 -2.43
C5' GS A 3 6.63 4.81 -3.82
C4' GS A 3 5.14 5.00 -4.12
O4' GS A 3 4.43 3.79 -3.86
C3' GS A 3 4.49 6.10 -3.28
O3' GS A 3 3.57 6.84 -4.09
C2' GS A 3 3.72 5.33 -2.22
C1' GS A 3 3.37 4.03 -2.94
N9 GS A 3 3.26 2.85 -2.07
C8 GS A 3 4.07 2.46 -1.03
N7 GS A 3 3.69 1.36 -0.45
C5 GS A 3 2.55 0.98 -1.15
C6 GS A 3 1.70 -0.14 -0.97
O6 GS A 3 1.80 -1.05 -0.15
N1 GS A 3 0.66 -0.14 -1.89
C2 GS A 3 0.45 0.82 -2.86
N2 GS A 3 -0.60 0.66 -3.65
N3 GS A 3 1.26 1.89 -3.03
C4 GS A 3 2.28 1.90 -2.14
H5' GS A 3 7.18 5.70 -4.12
H4' GS A 3 5.03 5.26 -5.17
H3' GS A 3 5.23 6.75 -2.82
H2' GS A 3 2.80 5.86 -1.93
H1' GS A 3 2.44 4.16 -3.49
H8 GS A 3 4.95 3.04 -0.71
HN1 GS A 3 0.01 -0.91 -1.82
HN21 GS A 3 -1.20 -0.15 -3.53
HN22 GS A 3 -0.80 1.33 -4.38
P GS B 7 -3.09 -6.04 6.48
OP1 GS B 7 -3.77 -7.26 6.95
S2P GS B 7 -1.02 -6.08 6.10
O5' GS B 7 -3.82 -5.56 5.12
C5' GS B 7 -5.23 -5.28 5.11
C4' GS B 7 -5.70 -4.80 3.75
O4' GS B 7 -5.07 -3.55 3.42
C3' GS B 7 -5.40 -5.77 2.60
O3' GS B 7 -6.48 -5.79 1.67
C2' GS B 7 -4.17 -5.17 1.94
C1' GS B 7 -4.35 -3.68 2.20
N9 GS B 7 -3.09 -2.93 2.34
C8 GS B 7 -1.97 -3.25 3.06
N7 GS B 7 -1.02 -2.35 2.98
C5 GS B 7 -1.55 -1.38 2.14
C6 GS B 7 -0.97 -0.16 1.68
O6 GS B 7 0.14 0.30 1.94
N1 GS B 7 -1.84 0.53 0.84
C2 GS B 7 -3.10 0.11 0.49
N2 GS B 7 -3.79 0.90 -0.32
N3 GS B 7 -3.65 -1.04 0.92
C4 GS B 7 -2.81 -1.72 1.74
H5' GS B 7 -5.77 -6.20 5.38
H4' GS B 7 -6.77 -4.65 3.79
H3' GS B 7 -5.17 -6.77 2.98
H2' GS B 7 -4.17 -5.37 0.86
H1' GS B 7 -4.94 -3.25 1.39
H8 GS B 7 -1.88 -4.15 3.65
HN1 GS B 7 -1.50 1.41 0.47
HN21 GS B 7 -3.38 1.76 -0.66
HN22 GS B 7 -4.71 0.64 -0.62
P GS A 3 8.40 4.22 -1.96
OP1 GS A 3 9.28 5.29 -2.49
S2P GS A 3 8.27 3.90 0.11
O5' GS A 3 6.90 4.51 -2.50
C5' GS A 3 6.67 4.76 -3.89
C4' GS A 3 5.18 4.98 -4.18
O4' GS A 3 4.46 3.76 -3.93
C3' GS A 3 4.53 6.07 -3.33
O3' GS A 3 3.61 6.81 -4.15
C2' GS A 3 3.76 5.30 -2.27
C1' GS A 3 3.41 4.01 -2.99
N9 GS A 3 3.30 2.84 -2.11
C8 GS A 3 4.11 2.44 -1.08
N7 GS A 3 3.73 1.33 -0.50
C5 GS A 3 2.58 0.97 -1.19
C6 GS A 3 1.73 -0.14 -1.00
O6 GS A 3 1.82 -1.05 -0.18
N1 GS A 3 0.67 -0.14 -1.91
C2 GS A 3 0.47 0.82 -2.89
N2 GS A 3 -0.60 0.66 -3.67
N3 GS A 3 1.27 1.87 -3.06
C4 GS A 3 2.30 1.88 -2.17
H5' GS A 3 7.21 5.66 -4.20
H4' GS A 3 5.07 5.23 -5.23
H3' GS A 3 5.28 6.71 -2.88
H2' GS A 3 2.86 5.85 -1.99
H1' GS A 3 2.48 4.15 -3.53
H8 GS A 3 4.99 3.00 -0.77
HN1 GS A 3 0.02 -0.91 -1.84
HN21 GS A 3 -1.20 -0.13 -3.53
HN22 GS A 3 -0.80 1.34 -4.40
P GS B 7 -3.05 -6.02 6.52
OP1 GS B 7 -3.73 -7.25 7.00
S2P GS B 7 -0.98 -6.05 6.15
O5' GS B 7 -3.79 -5.55 5.16
C5' GS B 7 -5.19 -5.28 5.15
C4' GS B 7 -5.66 -4.80 3.79
O4' GS B 7 -5.03 -3.55 3.47
C3' GS B 7 -5.35 -5.76 2.64
O3' GS B 7 -6.43 -5.78 1.71
C2' GS B 7 -4.13 -5.16 1.97
C1' GS B 7 -4.31 -3.67 2.24
N9 GS B 7 -3.05 -2.92 2.38
C8 GS B 7 -1.94 -3.22 3.11
N7 GS B 7 -0.98 -2.33 3.02
C5 GS B 7 -1.51 -1.36 2.17
C6 GS B 7 -0.93 -0.15 1.71
O6 GS B 7 0.18 0.32 1.97
N1 GS B 7 -1.79 0.53 0.87
C2 GS B 7 -3.06 0.11 0.52
N2 GS B 7 -3.75 0.90 -0.31
N3 GS B 7 -3.61 -1.03 0.95
C4 GS B 7 -2.78 -1.71 1.77
H5' GS B 7 -5.73 -6.20 5.41
H4' GS B 7 -6.74 -4.64 3.82
H3' GS B 7 -5.13 -6.76 3.03
H2' GS B 7 -4.13 -5.36 0.91
H1' GS B 7 -4.90 -3.24 1.43
H8 GS B 7 -1.85 -4.13 3.70
HN1 GS B 7 -1.46 1.42 0.51
HN21 GS B 7 -3.34 1.76 -0.64
HN22 GS B 7 -4.68 0.64 -0.60
P GS A 3 8.39 4.20 -1.94
OP1 GS A 3 9.27 5.26 -2.48
S2P GS A 3 8.27 3.91 0.13
O5' GS A 3 6.89 4.48 -2.49
C5' GS A 3 6.66 4.72 -3.88
C4' GS A 3 5.18 4.94 -4.18
O4' GS A 3 4.45 3.72 -3.92
C3' GS A 3 4.52 6.04 -3.34
O3' GS A 3 3.61 6.78 -4.14
C2' GS A 3 3.75 5.27 -2.27
C1' GS A 3 3.40 3.98 -2.98
N9 GS A 3 3.28 2.81 -2.10
C8 GS A 3 4.09 2.42 -1.06
N7 GS A 3 3.70 1.32 -0.48
C5 GS A 3 2.56 0.95 -1.17
C6 GS A 3 1.70 -0.17 -0.99
O6 GS A 3 1.79 -1.07 -0.17
N1 GS A 3 0.65 -0.17 -1.91
C2 GS A 3 0.45 0.80 -2.88
N2 GS A 3 -0.61 0.62 -3.67
N3 GS A 3 1.26 1.84 -3.06
C4 GS A 3 2.29 1.85 -2.17
H5' GS A 3 7.21 5.61 -4.19
H4' GS A 3 5.06 5.18 -5.22
H3' GS A 3 5.28 6.68 -2.88
H2' GS A 3 2.84 5.82 -1.99
H1' GS A 3 2.47 4.12 -3.54
H8 GS A 3 4.97 2.98 -0.75
HN1 GS A 3 0.00 -0.93 -1.84
HN21 GS A 3 -1.22 -0.17 -3.54
HN22 GS A 3 -0.80 1.30 -4.41
P GS B 7 -3.12 -5.99 6.50
OP1 GS B 7 -3.80 -7.21 6.99
S2P GS B 7 -1.04 -6.03 6.12
O5' GS B 7 -3.85 -5.51 5.15
C5' GS B 7 -5.25 -5.24 5.13
C4' GS B 7 -5.72 -4.76 3.77
O4' GS B 7 -5.08 -3.51 3.44
C3' GS B 7 -5.42 -5.73 2.63
O3' GS B 7 -6.50 -5.74 1.70
C2' GS B 7 -4.19 -5.14 1.96
C1' GS B 7 -4.37 -3.65 2.21
N9 GS B 7 -3.10 -2.90 2.34
C8 GS B 7 -1.98 -3.21 3.07
N7 GS B 7 -1.03 -2.33 2.99
C5 GS B 7 -1.55 -1.36 2.13
C6 GS B 7 -0.97 -0.15 1.67
O6 GS B 7 0.14 0.30 1.92
N1 GS B 7 -1.83 0.54 0.83
C2 GS B 7 -3.10 0.13 0.47
N2 GS B 7 -3.78 0.92 -0.35
N3 GS B 7 -3.65 -1.02 0.92
C4 GS B 7 -2.82 -1.70 1.74
H5' GS B 7 -5.79 -6.15 5.41
H4' GS B 7 -6.80 -4.59 3.81
H3' GS B 7 -5.21 -6.74 3.01
H2' GS B 7 -4.20 -5.35 0.89
H1' GS B 7 -4.96 -3.21 1.41
H8 GS B 7 -1.90 -4.12 3.67
HN1 GS B 7 -1.48 1.41 0.46
HN21 GS B 7 -3.37 1.78 -0.68
HN22 GS B 7 -4.72 0.66 -0.63
P GS A 3 8.28 4.36 -1.90
OP1 GS A 3 9.17 5.41 -2.44
S2P GS A 3 8.16 4.05 0.18
O5' GS A 3 6.78 4.62 -2.44
C5' GS A 3 6.55 4.86 -3.84
C4' GS A 3 5.08 5.06 -4.13
O4' GS A 3 4.36 3.84 -3.88
C3' GS A 3 4.41 6.15 -3.29
O3' GS A 3 3.49 6.88 -4.11
C2' GS A 3 3.64 5.38 -2.23
C1' GS A 3 3.30 4.09 -2.96
N9 GS A 3 3.19 2.90 -2.07
C8 GS A 3 4.00 2.52 -1.03
N7 GS A 3 3.62 1.42 -0.46
C5 GS A 3 2.49 1.03 -1.16
C6 GS A 3 1.64 -0.10 -0.98
O6 GS A 3 1.74 -1.00 -0.16
N1 GS A 3 0.61 -0.11 -1.91
C2 GS A 3 0.40 0.85 -2.88
N2 GS A 3 -0.65 0.68 -3.68
N3 GS A 3 1.20 1.92 -3.04
C4 GS A 3 2.21 1.94 -2.15
H5' GS A 3 7.10 5.75 -4.15
H4' GS A 3 4.96 5.30 -5.19
H3' GS A 3 5.15 6.80 -2.84
H2' GS A 3 2.73 5.91 -1.95
H1' GS A 3 2.37 4.21 -3.50
H8 GS A 3 4.87 3.10 -0.72
HN1 GS A 3 -0.03 -0.88 -1.85
HN21 GS A 3 -1.25 -0.13 -3.56
HN22 GS A 3 -0.85 1.35 -4.41
P GS B 7 -3.04 -6.08 6.45
OP1 GS B 7 -3.71 -7.31 6.92
S2P GS B 7 -0.97 -6.09 6.08
O5' GS B 7 -3.77 -5.60 5.09
C5' GS B 7 -5.19 -5.35 5.07
C4' GS B 7 -5.66 -4.86 3.71
O4' GS B 7 -5.04 -3.60 3.39
C3' GS B 7 -5.33 -5.82 2.56
O3' GS B 7 -6.41 -5.84 1.63
C2' GS B 7 -4.11 -5.20 1.91
C1' GS B 7 -4.32 -3.72 2.17
N9 GS B 7 -3.07 -2.95 2.33
C8 GS B 7 -1.94 -3.24 3.05
N7 GS B 7 -1.00 -2.33 2.97
C5 GS B 7 -1.54 -1.37 2.13
C6 GS B 7 -0.98 -0.14 1.67
O6 GS B 7 0.12 0.34 1.94
N1 GS B 7 -1.85 0.53 0.84
C2 GS B 7 -3.10 0.10 0.48
N2 GS B 7 -3.80 0.88 -0.34
N3 GS B 7 -3.64 -1.06 0.91
C4 GS B 7 -2.80 -1.73 1.72
H5' GS B 7 -5.71 -6.26 5.33
H4' GS B 7 -6.73 -4.71 3.74
H3' GS B 7 -5.10 -6.82 2.93
H2' GS B 7 -4.11 -5.39 0.84
H1' GS B 7 -4.91 -3.28 1.37
H8 GS B 7 -1.84 -4.16 3.64
HN1 GS B 7 -1.52 1.42 0.48
HN21 GS B 7 -3.40 1.75 -0.66
HN22 GS B 7 -4.73 0.61 -0.64
P GS A 3 8.36 4.26 -1.97
OP1 GS A 3 9.24 5.32 -2.52
S2P GS A 3 8.25 3.99 0.11
O5' GS A 3 6.86 4.53 -2.51
C5' GS A 3 6.62 4.74 -3.90
C4' GS A 3 5.13 4.95 -4.19
O4' GS A 3 4.41 3.74 -3.92
C3' GS A 3 4.49 6.05 -3.35
O3' GS A 3 3.56 6.79 -4.16
C2' GS A 3 3.71 5.30 -2.28
C1' GS A 3 3.36 4.00 -2.99
N9 GS A 3 3.24 2.83 -2.10
C8 GS A 3 4.05 2.44 -1.07
N7 GS A 3 3.67 1.34 -0.48
C5 GS A 3 2.53 0.96 -1.18
C6 GS A 3 1.67 -0.16 -1.00
O6 GS A 3 1.76 -1.06 -0.17
N1 GS A 3 0.63 -0.16 -1.92
C2 GS A 3 0.44 0.80 -2.90
N2 GS A 3 -0.62 0.62 -3.69
N3 GS A 3 1.24 1.85 -3.07
C4 GS A 3 2.25 1.88 -2.18
H5' GS A 3 7.17 5.63 -4.23
H4' GS A 3 5.02 5.19 -5.24
H3' GS A 3 5.24 6.71 -2.90
H2' GS A 3 2.81 5.83 -2.00
H1' GS A 3 2.42 4.13 -3.54
H8 GS A 3 4.93 3.01 -0.75
HN1 GS A 3 -0.02 -0.93 -1.86
HN21 GS A 3 -1.22 -0.17 -3.56
HN22 GS A 3 -0.82 1.29 -4.43
P GS B 7 -3.06 -6.00 6.44
OP1 GS B 7 -3.73 -7.23 6.93
S2P GS B 7 -0.99 -6.02 6.06
O5' GS B 7 -3.81 -5.52 5.09
C5' GS B 7 -5.21 -5.27 5.09
C4' GS B 7 -5.69 -4.79 3.73
O4' GS B 7 -5.07 -3.54 3.41
C3' GS B 7 -5.39 -5.76 2.59
O3' GS B 7 -6.48 -5.77 1.66
C2' GS B 7 -4.17 -5.15 1.92
C1' GS B 7 -4.35 -3.66 2.17
N9 GS B 7 -3.09 -2.92 2.31
C8 GS B 7 -1.97 -3.23 3.03
N7 GS B 7 -1.02 -2.34 2.95
C5 GS B 7 -1.54 -1.37 2.11
C6 GS B 7 -0.97 -0.15 1.65
O6 GS B 7 0.14 0.31 1.91
N1 GS B 7 -1.84 0.55 0.81
C2 GS B 7 -3.11 0.12 0.47
N2 GS B 7 -3.79 0.92 -0.35
N3 GS B 7 -3.65 -1.02 0.90
C4 GS B 7 -2.81 -1.70 1.71
H5' GS B 7 -5.75 -6.18 5.36
H4' GS B 7 -6.77 -4.63 3.77
H3' GS B 7 -5.17 -6.76 2.96
H2' GS B 7 -4.18 -5.36 0.84
H1' GS B 7 -4.94 -3.23 1.37
H8 GS B 7 -1.88 -4.14 3.62
HN1 GS B 7 -1.50 1.42 0.45
HN21 GS B 7 -3.37 1.78 -0.67
HN22 GS B 7 -4.73 0.66 -0.64
P GS A 3 8.25 4.41 -1.90
OP1 GS A 3 9.12 5.48 -2.44
S2P GS A 3 8.11 4.14 0.19
O5' GS A 3 6.76 4.65 -2.45
C5' GS A 3 6.53 4.88 -3.85
C4' GS A 3 5.04 5.06 -4.15
O4' GS A 3 4.34 3.83 -3.90
C3' GS A 3 4.36 6.14 -3.31
O3' GS A 3 3.44 6.87 -4.13
C2' GS A 3 3.60 5.37 -2.26
C1' GS A 3 3.27 4.07 -2.97
N9 GS A 3 3.17 2.89 -2.09
C8 GS A 3 3.96 2.52 -1.04
N7 GS A 3 3.60 1.42 -0.46
C5 GS A 3 2.48 1.02 -1.19
C6 GS A 3 1.65 -0.13 -1.01
O6 GS A 3 1.75 -1.03 -0.19
N1 GS A 3 0.63 -0.16 -1.96
C2 GS A 3 0.42 0.79 -2.94
N2 GS A 3 -0.62 0.60 -3.74
N3 GS A 3 1.20 1.87 -3.09
C4 GS A 3 2.21 1.91 -2.18
H5' GS A 3 7.06 5.77 -4.16
H4' GS A 3 4.93 5.30 -5.20
H3' GS A 3 5.11 6.81 -2.86
H2' GS A 3 2.68 5.89 -1.98
H1' GS A 3 2.34 4.19 -3.53
H8 GS A 3 4.82 3.11 -0.71
HN1 GS A 3 0.00 -0.95 -1.90
HN21 GS A 3 -1.21 -0.21 -3.62
HN22 GS A 3 -0.82 1.27 -4.48
P GS B 7 -3.13 -6.09 6.37
OP1 GS B 7 -3.82 -7.31 6.84
S2P GS B 7 -1.06 -6.13 6.01
O5' GS B 7 -3.85 -5.61 5.02
C5' GS B 7 -5.26 -5.35 4.99
C4' GS B 7 -5.72 -4.88 3.61
O4' GS B 7 -5.11 -3.61 3.30
C3' GS B 7 -5.39 -5.85 2.48
O3' GS B 7 -6.46 -5.88 1.54
C2' GS B 7 -4.17 -5.22 1.83
C1' GS B 7 -4.37 -3.74 2.07
N9 GS B 7 -3.13 -2.97 2.22
C8 GS B 7 -2.01 -3.26 2.96
N7 GS B 7 -1.07 -2.36 2.88
C5 GS B 7 -1.60 -1.40 2.04
C6 GS B 7 -1.04 -0.17 1.59
O6 GS B 7 0.06 0.31 1.85
N1 GS B 7 -1.91 0.51 0.74
C2 GS B 7 -3.16 0.07 0.38
N2 GS B 7 -3.86 0.85 -0.45
N3 GS B 7 -3.70 -1.08 0.81
C4 GS B 7 -2.86 -1.76 1.62
H5' GS B 7 -5.80 -6.25 5.25
H4' GS B 7 -6.80 -4.73 3.64
H3' GS B 7 -5.16 -6.84 2.87
H2' GS B 7 -4.16 -5.44 0.75
H1' GS B 7 -4.96 -3.31 1.27
H8 GS B 7 -1.91 -4.18 3.54
HN1 GS B 7 -1.58 1.39 0.38
HN21 GS B 7 -3.46 1.73 -0.77
HN22 GS B 7 -4.79 0.59 -0.74
#